data_8V8K
#
_entry.id   8V8K
#
_cell.length_a   76.559
_cell.length_b   76.559
_cell.length_c   298.596
_cell.angle_alpha   90.00
_cell.angle_beta   90.00
_cell.angle_gamma   120.00
#
_symmetry.space_group_name_H-M   'P 64 2 2'
#
_entity_poly.entity_id   1
_entity_poly.type   'polypeptide(L)'
_entity_poly.pdbx_seq_one_letter_code
;QVQLVESGGGLVQAGGSLRLSCAASGSISSISTMGWYRQAPGKERELVAAITSGGSTNYADSVKGRFTISRDNAKNTVYL
QMNSLKPEDTAVYYCNFKYYSGSYFYKSEYDYWGKGTPVTVSS
;
_entity_poly.pdbx_strand_id   A,B,C
#
# COMPACT_ATOMS: atom_id res chain seq x y z
N GLN A 1 -4.97 -6.04 5.34
CA GLN A 1 -3.79 -5.79 4.50
C GLN A 1 -3.58 -4.30 4.31
N VAL A 2 -4.62 -3.52 4.59
CA VAL A 2 -4.57 -2.06 4.47
C VAL A 2 -4.21 -1.52 5.85
N GLN A 3 -3.45 -0.43 5.88
CA GLN A 3 -2.96 0.11 7.13
C GLN A 3 -3.38 1.57 7.28
N LEU A 4 -3.20 2.08 8.51
CA LEU A 4 -3.48 3.47 8.85
C LEU A 4 -4.86 3.91 8.38
N VAL A 5 -5.84 3.03 8.54
CA VAL A 5 -7.23 3.31 8.18
C VAL A 5 -8.09 2.89 9.35
N GLU A 6 -8.57 3.87 10.13
CA GLU A 6 -9.44 3.57 11.25
C GLU A 6 -10.77 3.01 10.78
N SER A 7 -11.20 1.91 11.41
CA SER A 7 -12.46 1.26 11.09
C SER A 7 -13.15 0.88 12.38
N GLY A 8 -14.47 0.69 12.31
CA GLY A 8 -15.26 0.30 13.46
C GLY A 8 -16.20 1.38 14.00
N GLY A 9 -16.23 2.57 13.42
CA GLY A 9 -17.10 3.63 13.90
C GLY A 9 -18.48 3.58 13.26
N GLY A 10 -19.32 4.51 13.68
CA GLY A 10 -20.67 4.58 13.14
C GLY A 10 -21.59 5.34 14.07
N LEU A 11 -22.88 5.04 13.95
CA LEU A 11 -23.94 5.68 14.71
C LEU A 11 -24.55 4.70 15.69
N VAL A 12 -24.63 5.10 16.96
CA VAL A 12 -25.20 4.28 18.02
C VAL A 12 -25.88 5.21 19.02
N GLN A 13 -26.81 4.66 19.78
CA GLN A 13 -27.51 5.45 20.78
C GLN A 13 -26.71 5.49 22.09
N ALA A 14 -27.11 6.40 22.97
CA ALA A 14 -26.43 6.55 24.26
C ALA A 14 -26.43 5.24 25.02
N GLY A 15 -25.33 4.98 25.73
CA GLY A 15 -25.14 3.72 26.41
C GLY A 15 -24.60 2.60 25.54
N GLY A 16 -24.63 2.76 24.22
CA GLY A 16 -24.12 1.75 23.33
C GLY A 16 -22.62 1.58 23.44
N SER A 17 -22.10 0.66 22.63
CA SER A 17 -20.67 0.36 22.62
C SER A 17 -20.20 0.18 21.18
N LEU A 18 -18.98 0.62 20.93
CA LEU A 18 -18.31 0.44 19.65
C LEU A 18 -16.91 -0.11 19.93
N ARG A 19 -16.23 -0.54 18.87
CA ARG A 19 -14.85 -1.03 19.03
C ARG A 19 -14.08 -0.62 17.77
N LEU A 20 -13.32 0.45 17.89
CA LEU A 20 -12.50 0.97 16.80
C LEU A 20 -11.18 0.21 16.71
N SER A 21 -10.69 0.05 15.48
CA SER A 21 -9.47 -0.69 15.24
C SER A 21 -8.64 0.02 14.19
N CYS A 22 -7.33 -0.15 14.29
CA CYS A 22 -6.42 0.42 13.30
C CYS A 22 -5.19 -0.47 13.16
N ALA A 23 -4.87 -0.86 11.94
CA ALA A 23 -3.69 -1.66 11.67
C ALA A 23 -2.49 -0.75 11.47
N ALA A 24 -1.32 -1.23 11.88
CA ALA A 24 -0.10 -0.46 11.83
C ALA A 24 0.69 -0.76 10.56
N SER A 25 1.74 0.03 10.36
CA SER A 25 2.62 -0.08 9.20
C SER A 25 3.81 -0.94 9.59
N GLY A 26 3.73 -2.23 9.27
CA GLY A 26 4.74 -3.19 9.67
C GLY A 26 4.58 -3.66 11.10
N SER A 27 5.70 -3.86 11.79
CA SER A 27 5.71 -4.43 13.13
C SER A 27 5.17 -3.43 14.14
N ILE A 28 3.92 -3.62 14.57
CA ILE A 28 3.30 -2.75 15.54
C ILE A 28 4.06 -2.68 16.85
N SER A 29 5.03 -3.57 17.06
CA SER A 29 5.87 -3.51 18.25
C SER A 29 7.06 -2.59 18.06
N SER A 30 7.43 -2.29 16.81
CA SER A 30 8.42 -1.26 16.53
C SER A 30 7.92 0.11 16.97
N ILE A 31 6.62 0.24 17.21
CA ILE A 31 6.01 1.49 17.63
C ILE A 31 6.52 1.89 19.02
N SER A 32 6.55 3.20 19.27
CA SER A 32 6.88 3.73 20.59
C SER A 32 5.66 4.21 21.38
N THR A 33 4.63 4.70 20.69
CA THR A 33 3.40 5.11 21.35
C THR A 33 2.24 5.01 20.37
N MET A 34 1.07 4.60 20.87
CA MET A 34 -0.14 4.55 20.06
C MET A 34 -1.25 5.28 20.78
N GLY A 35 -1.87 6.24 20.10
CA GLY A 35 -2.90 7.05 20.71
C GLY A 35 -4.14 7.12 19.85
N TRP A 36 -5.25 7.42 20.52
CA TRP A 36 -6.53 7.63 19.86
C TRP A 36 -6.98 9.06 20.16
N TYR A 37 -6.68 9.96 19.24
CA TYR A 37 -7.14 11.34 19.34
C TYR A 37 -8.56 11.45 18.79
N ARG A 38 -9.28 12.47 19.24
CA ARG A 38 -10.62 12.70 18.76
C ARG A 38 -10.85 14.20 18.63
N GLN A 39 -11.68 14.57 17.66
CA GLN A 39 -12.01 15.97 17.45
C GLN A 39 -13.45 16.07 16.99
N ALA A 40 -14.19 16.95 17.59
CA ALA A 40 -15.54 17.25 17.14
C ALA A 40 -15.55 18.56 16.38
N PRO A 41 -16.48 18.72 15.44
CA PRO A 41 -16.55 19.99 14.69
C PRO A 41 -16.80 21.14 15.65
N GLY A 42 -16.01 22.20 15.50
CA GLY A 42 -16.06 23.32 16.41
C GLY A 42 -15.26 23.14 17.69
N LYS A 43 -14.58 22.01 17.86
CA LYS A 43 -13.78 21.75 19.04
C LYS A 43 -12.36 21.34 18.65
N GLU A 44 -11.49 21.30 19.65
CA GLU A 44 -10.06 21.06 19.49
C GLU A 44 -9.73 19.58 19.65
N ARG A 45 -8.62 19.18 19.03
CA ARG A 45 -8.13 17.81 19.15
C ARG A 45 -7.76 17.48 20.59
N GLU A 46 -8.16 16.28 21.02
CA GLU A 46 -7.95 15.82 22.39
C GLU A 46 -7.53 14.35 22.38
N LEU A 47 -6.53 14.02 23.18
CA LEU A 47 -6.11 12.63 23.38
C LEU A 47 -7.09 11.91 24.30
N VAL A 48 -7.52 10.72 23.89
CA VAL A 48 -8.49 9.94 24.64
C VAL A 48 -7.84 8.73 25.31
N ALA A 49 -6.88 8.10 24.66
CA ALA A 49 -6.22 6.93 25.20
C ALA A 49 -4.86 6.77 24.53
N ALA A 50 -3.89 6.28 25.29
CA ALA A 50 -2.52 6.18 24.78
C ALA A 50 -1.82 5.01 25.47
N ILE A 51 -1.37 4.04 24.65
CA ILE A 51 -0.62 2.88 25.14
C ILE A 51 0.82 2.99 24.66
N THR A 52 1.75 2.67 25.54
CA THR A 52 3.17 2.68 25.23
C THR A 52 3.59 1.28 24.78
N SER A 53 4.79 1.21 24.19
CA SER A 53 5.31 -0.09 23.76
C SER A 53 5.48 -1.07 24.91
N GLY A 54 5.47 -0.59 26.15
CA GLY A 54 5.63 -1.44 27.31
C GLY A 54 4.32 -1.91 27.89
N GLY A 55 3.23 -1.25 27.52
CA GLY A 55 1.90 -1.59 28.00
C GLY A 55 1.31 -0.56 28.94
N SER A 56 2.09 0.44 29.34
CA SER A 56 1.59 1.50 30.20
C SER A 56 0.54 2.31 29.47
N THR A 57 -0.66 2.40 30.05
CA THR A 57 -1.79 3.06 29.41
C THR A 57 -2.14 4.34 30.15
N ASN A 58 -2.59 5.33 29.39
CA ASN A 58 -3.11 6.57 29.93
C ASN A 58 -4.46 6.87 29.27
N TYR A 59 -5.35 7.47 30.04
CA TYR A 59 -6.71 7.73 29.58
C TYR A 59 -7.09 9.15 29.97
N ALA A 60 -8.19 9.62 29.41
CA ALA A 60 -8.73 10.91 29.77
C ALA A 60 -9.73 10.74 30.92
N ASP A 61 -10.17 11.86 31.47
CA ASP A 61 -11.09 11.80 32.61
C ASP A 61 -12.47 11.33 32.17
N SER A 62 -13.00 11.91 31.09
CA SER A 62 -14.34 11.55 30.65
C SER A 62 -14.42 10.10 30.18
N VAL A 63 -13.31 9.54 29.70
CA VAL A 63 -13.30 8.19 29.13
C VAL A 63 -12.80 7.15 30.10
N LYS A 64 -12.35 7.55 31.29
CA LYS A 64 -11.83 6.61 32.27
C LYS A 64 -12.90 5.65 32.74
N GLY A 65 -12.57 4.36 32.80
CA GLY A 65 -13.52 3.34 33.18
C GLY A 65 -14.56 3.01 32.14
N ARG A 66 -14.46 3.59 30.95
CA ARG A 66 -15.38 3.30 29.86
C ARG A 66 -14.62 2.83 28.63
N PHE A 67 -13.78 3.68 28.03
CA PHE A 67 -12.99 3.28 26.87
C PHE A 67 -11.81 2.44 27.34
N THR A 68 -11.41 1.48 26.50
CA THR A 68 -10.30 0.59 26.81
C THR A 68 -9.40 0.49 25.59
N ILE A 69 -8.19 1.03 25.68
CA ILE A 69 -7.21 0.86 24.63
C ILE A 69 -6.48 -0.47 24.82
N SER A 70 -6.07 -1.08 23.71
CA SER A 70 -5.45 -2.40 23.75
C SER A 70 -4.70 -2.62 22.45
N ARG A 71 -3.89 -3.67 22.44
CA ARG A 71 -3.04 -3.99 21.30
C ARG A 71 -3.02 -5.49 21.05
N ASP A 72 -2.92 -5.85 19.77
CA ASP A 72 -2.69 -7.24 19.35
C ASP A 72 -1.48 -7.25 18.43
N ASN A 73 -0.43 -7.95 18.86
CA ASN A 73 0.81 -8.01 18.08
C ASN A 73 0.66 -8.91 16.87
N ALA A 74 -0.11 -9.99 16.99
CA ALA A 74 -0.25 -10.94 15.89
C ALA A 74 -0.89 -10.28 14.67
N LYS A 75 -2.03 -9.62 14.86
CA LYS A 75 -2.72 -8.93 13.79
C LYS A 75 -2.19 -7.53 13.54
N ASN A 76 -1.18 -7.10 14.29
CA ASN A 76 -0.60 -5.76 14.16
C ASN A 76 -1.67 -4.68 14.25
N THR A 77 -2.51 -4.77 15.29
CA THR A 77 -3.68 -3.90 15.35
C THR A 77 -3.85 -3.29 16.74
N VAL A 78 -4.13 -1.99 16.76
CA VAL A 78 -4.50 -1.28 17.98
C VAL A 78 -6.01 -1.20 18.03
N TYR A 79 -6.56 -1.29 19.24
CA TYR A 79 -8.00 -1.35 19.46
C TYR A 79 -8.41 -0.35 20.53
N LEU A 80 -9.58 0.25 20.35
CA LEU A 80 -10.23 1.09 21.34
C LEU A 80 -11.66 0.59 21.52
N GLN A 81 -11.92 -0.11 22.61
CA GLN A 81 -13.26 -0.60 22.93
C GLN A 81 -13.98 0.50 23.70
N MET A 82 -14.88 1.21 23.04
CA MET A 82 -15.66 2.25 23.67
C MET A 82 -16.94 1.65 24.21
N ASN A 83 -17.29 2.01 25.45
CA ASN A 83 -18.42 1.43 26.15
C ASN A 83 -19.19 2.53 26.86
N SER A 84 -20.48 2.27 27.08
CA SER A 84 -21.38 3.21 27.74
C SER A 84 -21.26 4.61 27.11
N LEU A 85 -21.45 4.65 25.80
CA LEU A 85 -21.24 5.88 25.05
C LEU A 85 -22.25 6.96 25.43
N LYS A 86 -21.77 8.20 25.42
CA LYS A 86 -22.56 9.37 25.74
C LYS A 86 -22.56 10.34 24.57
N PRO A 87 -23.61 11.15 24.41
CA PRO A 87 -23.67 12.07 23.26
C PRO A 87 -22.49 13.02 23.18
N GLU A 88 -21.79 13.26 24.30
CA GLU A 88 -20.62 14.12 24.29
C GLU A 88 -19.40 13.46 23.68
N ASP A 89 -19.49 12.17 23.33
CA ASP A 89 -18.40 11.46 22.69
C ASP A 89 -18.46 11.51 21.17
N THR A 90 -19.53 12.08 20.60
CA THR A 90 -19.66 12.18 19.15
C THR A 90 -18.53 13.03 18.58
N ALA A 91 -17.72 12.43 17.72
CA ALA A 91 -16.58 13.13 17.11
C ALA A 91 -15.97 12.24 16.05
N VAL A 92 -14.91 12.73 15.43
CA VAL A 92 -14.11 11.94 14.49
C VAL A 92 -12.87 11.47 15.24
N TYR A 93 -12.61 10.18 15.20
CA TYR A 93 -11.53 9.56 15.95
C TYR A 93 -10.40 9.19 15.00
N TYR A 94 -9.19 9.63 15.35
CA TYR A 94 -7.97 9.38 14.62
C TYR A 94 -7.06 8.46 15.44
N CYS A 95 -6.33 7.60 14.75
CA CYS A 95 -5.30 6.78 15.39
C CYS A 95 -3.93 7.33 15.01
N ASN A 96 -3.05 7.45 16.01
CA ASN A 96 -1.72 8.01 15.83
C ASN A 96 -0.67 7.03 16.32
N PHE A 97 0.40 6.88 15.53
CA PHE A 97 1.54 6.04 15.84
C PHE A 97 2.77 6.92 15.93
N LYS A 98 3.41 6.92 17.10
CA LYS A 98 4.58 7.74 17.39
C LYS A 98 5.81 6.84 17.48
N TYR A 99 6.84 7.20 16.72
CA TYR A 99 8.10 6.46 16.67
C TYR A 99 9.21 7.39 17.14
N TYR A 100 9.95 6.95 18.16
CA TYR A 100 11.10 7.67 18.68
C TYR A 100 12.39 6.99 18.26
N SER A 101 13.34 7.77 17.74
CA SER A 101 14.67 7.26 17.46
C SER A 101 15.70 8.32 17.87
N GLY A 102 16.93 7.87 18.03
CA GLY A 102 18.00 8.80 18.37
C GLY A 102 19.26 8.08 18.78
N SER A 103 20.29 8.89 19.01
CA SER A 103 21.59 8.43 19.46
C SER A 103 22.18 9.53 20.34
N TYR A 104 23.51 9.56 20.47
CA TYR A 104 24.17 10.59 21.26
C TYR A 104 24.27 11.92 20.54
N PHE A 105 23.78 12.03 19.30
CA PHE A 105 23.86 13.28 18.56
C PHE A 105 22.55 13.77 17.95
N TYR A 106 21.50 12.95 17.89
CA TYR A 106 20.28 13.37 17.23
C TYR A 106 19.07 12.74 17.92
N LYS A 107 17.90 13.32 17.67
CA LYS A 107 16.63 12.81 18.18
C LYS A 107 15.56 13.05 17.12
N SER A 108 14.91 11.98 16.66
CA SER A 108 13.86 12.02 15.65
C SER A 108 12.55 11.48 16.24
N GLU A 109 11.45 12.17 15.93
CA GLU A 109 10.12 11.81 16.41
C GLU A 109 9.14 11.81 15.24
N TYR A 110 8.84 10.63 14.70
CA TYR A 110 7.88 10.49 13.61
C TYR A 110 6.48 10.27 14.16
N ASP A 111 5.49 10.89 13.52
CA ASP A 111 4.08 10.70 13.85
C ASP A 111 3.31 10.36 12.58
N TYR A 112 2.66 9.20 12.57
CA TYR A 112 1.84 8.77 11.44
C TYR A 112 0.39 8.62 11.91
N TRP A 113 -0.54 9.16 11.14
CA TRP A 113 -1.95 9.09 11.51
C TRP A 113 -2.79 8.69 10.31
N GLY A 114 -4.03 8.27 10.59
CA GLY A 114 -4.94 7.81 9.57
C GLY A 114 -5.97 8.87 9.20
N LYS A 115 -6.98 8.44 8.45
CA LYS A 115 -8.00 9.37 7.99
C LYS A 115 -9.06 9.64 9.05
N GLY A 116 -9.29 8.69 9.95
CA GLY A 116 -10.28 8.86 10.99
C GLY A 116 -11.57 8.12 10.68
N THR A 117 -12.42 8.03 11.69
CA THR A 117 -13.74 7.43 11.54
C THR A 117 -14.72 8.22 12.40
N PRO A 118 -15.97 8.39 11.95
CA PRO A 118 -16.94 9.13 12.74
C PRO A 118 -17.67 8.25 13.74
N VAL A 119 -17.96 8.84 14.90
CA VAL A 119 -18.73 8.20 15.95
C VAL A 119 -19.82 9.17 16.36
N THR A 120 -21.07 8.74 16.23
CA THR A 120 -22.23 9.56 16.55
C THR A 120 -23.04 8.86 17.62
N VAL A 121 -23.03 9.40 18.83
CA VAL A 121 -23.79 8.87 19.95
C VAL A 121 -25.05 9.72 20.09
N SER A 122 -26.19 9.14 19.77
CA SER A 122 -27.46 9.85 19.77
C SER A 122 -28.08 9.88 21.17
N SER A 123 -28.75 10.98 21.48
CA SER A 123 -29.40 11.16 22.77
C SER A 123 -30.65 10.28 22.88
N GLN B 1 8.34 22.98 3.70
CA GLN B 1 8.40 21.94 4.72
C GLN B 1 7.30 20.90 4.52
N VAL B 2 6.26 21.27 3.76
CA VAL B 2 5.15 20.37 3.48
C VAL B 2 5.36 19.73 2.12
N GLN B 3 5.02 18.45 2.00
CA GLN B 3 5.18 17.69 0.77
C GLN B 3 3.89 16.96 0.42
N LEU B 4 3.88 16.39 -0.78
CA LEU B 4 2.77 15.56 -1.26
C LEU B 4 1.42 16.25 -1.10
N VAL B 5 1.38 17.55 -1.40
CA VAL B 5 0.16 18.33 -1.31
C VAL B 5 0.05 19.13 -2.60
N GLU B 6 -0.85 18.72 -3.49
CA GLU B 6 -1.03 19.44 -4.74
C GLU B 6 -1.56 20.84 -4.45
N SER B 7 -0.89 21.85 -5.03
CA SER B 7 -1.25 23.24 -4.81
C SER B 7 -1.15 23.99 -6.13
N GLY B 8 -1.84 25.12 -6.20
CA GLY B 8 -1.85 25.96 -7.39
C GLY B 8 -3.16 25.96 -8.13
N GLY B 9 -4.16 25.23 -7.66
CA GLY B 9 -5.45 25.18 -8.32
C GLY B 9 -6.37 26.29 -7.85
N GLY B 10 -7.56 26.30 -8.43
CA GLY B 10 -8.54 27.33 -8.08
C GLY B 10 -9.59 27.46 -9.17
N LEU B 11 -10.18 28.64 -9.22
CA LEU B 11 -11.26 28.94 -10.16
C LEU B 11 -10.76 29.90 -11.23
N VAL B 12 -10.98 29.55 -12.49
CA VAL B 12 -10.56 30.39 -13.60
C VAL B 12 -11.54 30.27 -14.75
N LEU B 18 -3.84 28.09 -15.05
CA LEU B 18 -3.43 27.73 -13.70
C LEU B 18 -2.15 26.90 -13.72
N ARG B 19 -1.59 26.68 -12.54
CA ARG B 19 -0.29 26.02 -12.39
C ARG B 19 -0.38 25.04 -11.22
N LEU B 20 -0.57 23.76 -11.50
CA LEU B 20 -0.59 22.77 -10.43
C LEU B 20 0.83 22.35 -10.09
N SER B 21 1.08 22.13 -8.80
CA SER B 21 2.41 21.81 -8.31
C SER B 21 2.30 20.77 -7.22
N CYS B 22 3.36 19.98 -7.07
CA CYS B 22 3.41 18.98 -6.02
C CYS B 22 4.87 18.77 -5.59
N ALA B 23 5.11 18.86 -4.29
CA ALA B 23 6.45 18.65 -3.75
C ALA B 23 6.67 17.17 -3.48
N ALA B 24 7.92 16.74 -3.66
CA ALA B 24 8.31 15.34 -3.53
C ALA B 24 8.86 15.05 -2.15
N SER B 25 9.11 13.76 -1.91
CA SER B 25 9.64 13.27 -0.64
C SER B 25 11.15 13.17 -0.78
N GLY B 26 11.85 14.21 -0.34
CA GLY B 26 13.28 14.31 -0.53
C GLY B 26 13.62 14.72 -1.95
N SER B 27 14.68 14.13 -2.50
CA SER B 27 15.16 14.53 -3.82
C SER B 27 14.18 14.01 -4.88
N ILE B 28 13.60 14.92 -5.65
CA ILE B 28 12.70 14.56 -6.73
C ILE B 28 13.39 13.71 -7.79
N SER B 29 14.72 13.62 -7.75
CA SER B 29 15.44 12.76 -8.68
C SER B 29 15.56 11.33 -8.19
N SER B 30 15.32 11.09 -6.90
CA SER B 30 15.20 9.72 -6.38
C SER B 30 14.03 8.99 -7.01
N ILE B 31 13.09 9.73 -7.62
CA ILE B 31 11.93 9.14 -8.25
C ILE B 31 12.33 8.29 -9.45
N SER B 32 11.49 7.30 -9.76
CA SER B 32 11.62 6.51 -10.98
C SER B 32 10.56 6.90 -12.01
N THR B 33 9.39 7.34 -11.57
CA THR B 33 8.35 7.83 -12.47
C THR B 33 7.48 8.81 -11.71
N MET B 34 7.03 9.86 -12.39
CA MET B 34 6.13 10.84 -11.80
C MET B 34 4.93 11.00 -12.72
N GLY B 35 3.73 10.80 -12.19
CA GLY B 35 2.54 10.84 -13.00
C GLY B 35 1.48 11.73 -12.36
N TRP B 36 0.58 12.19 -13.21
CA TRP B 36 -0.59 12.96 -12.77
C TRP B 36 -1.82 12.15 -13.16
N TYR B 37 -2.33 11.36 -12.21
CA TYR B 37 -3.60 10.70 -12.42
C TYR B 37 -4.69 11.71 -12.08
N ARG B 38 -5.83 11.59 -12.76
CA ARG B 38 -6.89 12.56 -12.53
C ARG B 38 -8.25 11.90 -12.65
N GLN B 39 -9.20 12.45 -11.90
CA GLN B 39 -10.59 11.98 -11.92
C GLN B 39 -11.51 13.18 -11.75
N ALA B 40 -12.56 13.23 -12.58
CA ALA B 40 -13.64 14.19 -12.51
C ALA B 40 -14.86 13.55 -11.86
N PRO B 41 -15.70 14.34 -11.20
CA PRO B 41 -16.89 13.75 -10.56
C PRO B 41 -17.82 13.10 -11.56
N GLY B 42 -18.23 11.87 -11.25
CA GLY B 42 -19.09 11.08 -12.11
C GLY B 42 -18.40 10.34 -13.24
N LYS B 43 -17.08 10.47 -13.37
CA LYS B 43 -16.33 9.80 -14.42
C LYS B 43 -15.14 9.06 -13.81
N GLU B 44 -14.48 8.24 -14.63
CA GLU B 44 -13.45 7.35 -14.14
C GLU B 44 -12.06 7.99 -14.19
N ARG B 45 -11.24 7.64 -13.20
CA ARG B 45 -9.85 8.07 -13.16
C ARG B 45 -9.03 7.37 -14.24
N GLU B 46 -8.18 8.14 -14.92
CA GLU B 46 -7.30 7.63 -15.96
C GLU B 46 -5.96 8.33 -15.85
N LEU B 47 -4.88 7.61 -16.10
CA LEU B 47 -3.56 8.22 -16.11
C LEU B 47 -3.44 9.14 -17.31
N VAL B 48 -3.01 10.39 -17.06
CA VAL B 48 -2.94 11.39 -18.09
C VAL B 48 -1.51 11.73 -18.51
N ALA B 49 -0.54 11.68 -17.60
CA ALA B 49 0.83 12.04 -17.96
C ALA B 49 1.79 11.39 -16.99
N ALA B 50 2.96 11.02 -17.53
CA ALA B 50 3.98 10.32 -16.77
C ALA B 50 5.34 10.66 -17.35
N ILE B 51 6.21 11.25 -16.53
CA ILE B 51 7.58 11.58 -16.89
C ILE B 51 8.51 10.65 -16.12
N THR B 52 9.51 10.12 -16.81
CA THR B 52 10.45 9.20 -16.20
C THR B 52 11.70 9.93 -15.71
N SER B 53 12.45 9.24 -14.85
CA SER B 53 13.72 9.74 -14.37
C SER B 53 14.68 9.89 -15.53
N GLY B 54 14.74 11.08 -16.11
CA GLY B 54 15.59 11.32 -17.26
C GLY B 54 15.02 12.33 -18.22
N GLY B 55 13.71 12.57 -18.12
CA GLY B 55 13.03 13.54 -18.95
C GLY B 55 12.08 12.96 -19.99
N SER B 56 12.02 11.64 -20.15
CA SER B 56 11.09 11.06 -21.10
C SER B 56 9.66 11.30 -20.63
N THR B 57 8.88 12.01 -21.44
CA THR B 57 7.53 12.43 -21.07
C THR B 57 6.48 11.81 -21.97
N ASN B 58 5.30 11.58 -21.38
CA ASN B 58 4.10 11.18 -22.09
C ASN B 58 2.94 12.05 -21.63
N TYR B 59 1.97 12.26 -22.51
CA TYR B 59 0.85 13.15 -22.24
C TYR B 59 -0.47 12.47 -22.60
N ALA B 60 -1.57 13.10 -22.16
CA ALA B 60 -2.92 12.63 -22.39
C ALA B 60 -3.47 13.14 -23.72
N ASP B 61 -4.65 12.63 -24.07
CA ASP B 61 -5.24 12.95 -25.37
C ASP B 61 -5.72 14.39 -25.43
N SER B 62 -6.52 14.80 -24.45
CA SER B 62 -7.08 16.15 -24.45
C SER B 62 -6.03 17.22 -24.22
N VAL B 63 -4.92 16.89 -23.55
CA VAL B 63 -3.98 17.88 -23.07
C VAL B 63 -2.77 18.06 -23.99
N LYS B 64 -2.69 17.31 -25.09
CA LYS B 64 -1.53 17.43 -25.97
C LYS B 64 -1.42 18.84 -26.53
N GLY B 65 -0.22 19.40 -26.44
CA GLY B 65 0.00 20.77 -26.88
C GLY B 65 -0.59 21.84 -26.00
N ARG B 66 -1.17 21.47 -24.85
CA ARG B 66 -1.76 22.43 -23.93
C ARG B 66 -1.14 22.34 -22.55
N PHE B 67 -1.36 21.24 -21.82
CA PHE B 67 -0.76 21.11 -20.49
C PHE B 67 0.72 20.76 -20.64
N THR B 68 1.52 21.18 -19.67
CA THR B 68 2.96 20.96 -19.71
C THR B 68 3.41 20.39 -18.37
N ILE B 69 3.83 19.13 -18.38
CA ILE B 69 4.44 18.52 -17.20
C ILE B 69 5.92 18.88 -17.18
N SER B 70 6.45 19.06 -15.98
CA SER B 70 7.84 19.49 -15.82
C SER B 70 8.26 19.19 -14.38
N ARG B 71 9.57 19.31 -14.14
CA ARG B 71 10.13 19.04 -12.83
C ARG B 71 11.22 20.07 -12.53
N ASP B 72 11.39 20.34 -11.25
CA ASP B 72 12.48 21.20 -10.76
C ASP B 72 13.20 20.42 -9.66
N ASN B 73 14.46 20.05 -9.93
CA ASN B 73 15.25 19.30 -8.97
C ASN B 73 15.70 20.16 -7.81
N ALA B 74 15.81 21.48 -8.01
CA ALA B 74 16.21 22.36 -6.92
C ALA B 74 15.06 22.54 -5.93
N LYS B 75 13.89 22.93 -6.41
CA LYS B 75 12.72 23.09 -5.55
C LYS B 75 12.02 21.77 -5.27
N ASN B 76 12.51 20.66 -5.82
CA ASN B 76 11.93 19.32 -5.60
C ASN B 76 10.43 19.33 -5.90
N THR B 77 10.07 19.79 -7.10
CA THR B 77 8.65 19.99 -7.36
C THR B 77 8.29 19.57 -8.78
N VAL B 78 7.18 18.87 -8.90
CA VAL B 78 6.59 18.54 -10.20
C VAL B 78 5.55 19.60 -10.50
N TYR B 79 5.46 19.99 -11.77
CA TYR B 79 4.56 21.05 -12.20
C TYR B 79 3.75 20.57 -13.39
N LEU B 80 2.49 20.97 -13.43
CA LEU B 80 1.63 20.79 -14.59
C LEU B 80 1.02 22.16 -14.87
N GLN B 81 1.50 22.81 -15.92
CA GLN B 81 1.00 24.11 -16.33
C GLN B 81 -0.19 23.87 -17.25
N MET B 82 -1.39 24.21 -16.78
CA MET B 82 -2.60 24.00 -17.55
C MET B 82 -2.82 25.14 -18.54
N ASN B 83 -3.26 24.80 -19.75
CA ASN B 83 -3.39 25.77 -20.81
C ASN B 83 -4.72 25.61 -21.54
N SER B 84 -5.20 26.73 -22.10
CA SER B 84 -6.43 26.77 -22.88
C SER B 84 -7.56 26.03 -22.18
N LEU B 85 -7.80 26.40 -20.93
CA LEU B 85 -8.73 25.62 -20.12
C LEU B 85 -10.13 25.71 -20.69
N LYS B 86 -10.82 24.58 -20.68
CA LYS B 86 -12.17 24.37 -21.18
C LYS B 86 -13.03 23.80 -20.07
N PRO B 87 -14.34 24.03 -20.10
CA PRO B 87 -15.20 23.55 -19.01
C PRO B 87 -15.08 22.06 -18.75
N GLU B 88 -14.63 21.26 -19.71
CA GLU B 88 -14.45 19.83 -19.48
C GLU B 88 -13.22 19.50 -18.66
N ASP B 89 -12.39 20.48 -18.31
CA ASP B 89 -11.20 20.24 -17.49
C ASP B 89 -11.45 20.37 -16.00
N THR B 90 -12.64 20.83 -15.59
CA THR B 90 -12.92 20.98 -14.17
C THR B 90 -12.90 19.62 -13.48
N ALA B 91 -11.97 19.44 -12.54
CA ALA B 91 -11.83 18.20 -11.80
C ALA B 91 -10.79 18.39 -10.69
N VAL B 92 -10.57 17.31 -9.93
CA VAL B 92 -9.52 17.26 -8.92
C VAL B 92 -8.38 16.39 -9.47
N TYR B 93 -7.16 16.91 -9.39
CA TYR B 93 -5.98 16.29 -9.98
C TYR B 93 -5.12 15.66 -8.88
N TYR B 94 -4.68 14.42 -9.10
CA TYR B 94 -3.82 13.72 -8.17
C TYR B 94 -2.41 13.63 -8.73
N CYS B 95 -1.42 13.76 -7.87
CA CYS B 95 -0.02 13.55 -8.23
C CYS B 95 0.49 12.26 -7.60
N ASN B 96 1.20 11.45 -8.39
CA ASN B 96 1.71 10.16 -7.95
C ASN B 96 3.21 10.09 -8.21
N PHE B 97 3.94 9.57 -7.23
CA PHE B 97 5.39 9.37 -7.30
C PHE B 97 5.66 7.87 -7.17
N LYS B 98 6.27 7.28 -8.20
CA LYS B 98 6.59 5.87 -8.24
C LYS B 98 8.09 5.67 -8.10
N TYR B 99 8.47 4.84 -7.14
CA TYR B 99 9.87 4.53 -6.86
C TYR B 99 10.08 3.04 -7.11
N TYR B 100 11.04 2.72 -7.96
CA TYR B 100 11.44 1.35 -8.22
C TYR B 100 12.75 1.08 -7.50
N SER B 101 12.82 -0.02 -6.76
CA SER B 101 14.05 -0.47 -6.14
C SER B 101 14.12 -1.99 -6.31
N GLY B 102 15.31 -2.54 -6.15
CA GLY B 102 15.42 -3.98 -6.24
C GLY B 102 16.86 -4.44 -6.35
N SER B 103 16.99 -5.76 -6.42
CA SER B 103 18.26 -6.44 -6.59
C SER B 103 17.99 -7.70 -7.41
N TYR B 104 18.90 -8.66 -7.32
CA TYR B 104 18.75 -9.91 -8.05
C TYR B 104 17.80 -10.90 -7.38
N PHE B 105 17.22 -10.53 -6.23
CA PHE B 105 16.29 -11.39 -5.51
C PHE B 105 15.00 -10.70 -5.13
N TYR B 106 14.90 -9.38 -5.24
CA TYR B 106 13.69 -8.68 -4.83
C TYR B 106 13.44 -7.49 -5.75
N LYS B 107 12.19 -7.04 -5.77
CA LYS B 107 11.77 -5.85 -6.52
C LYS B 107 10.66 -5.16 -5.74
N SER B 108 10.87 -3.89 -5.42
CA SER B 108 9.87 -3.09 -4.72
C SER B 108 9.41 -1.95 -5.63
N GLU B 109 8.10 -1.71 -5.62
CA GLU B 109 7.48 -0.66 -6.43
C GLU B 109 6.58 0.12 -5.49
N TYR B 110 7.11 1.22 -4.97
CA TYR B 110 6.36 2.09 -4.07
C TYR B 110 5.65 3.18 -4.85
N ASP B 111 4.42 3.49 -4.45
CA ASP B 111 3.65 4.58 -5.05
C ASP B 111 3.11 5.46 -3.93
N TYR B 112 3.49 6.73 -3.93
CA TYR B 112 2.99 7.70 -2.95
C TYR B 112 2.22 8.78 -3.69
N TRP B 113 1.04 9.12 -3.18
CA TRP B 113 0.20 10.13 -3.81
C TRP B 113 -0.32 11.11 -2.78
N GLY B 114 -0.82 12.25 -3.27
CA GLY B 114 -1.32 13.29 -2.42
C GLY B 114 -2.85 13.31 -2.33
N LYS B 115 -3.36 14.38 -1.74
CA LYS B 115 -4.81 14.52 -1.56
C LYS B 115 -5.52 15.06 -2.78
N GLY B 116 -4.83 15.84 -3.60
CA GLY B 116 -5.43 16.44 -4.79
C GLY B 116 -5.80 17.91 -4.57
N THR B 117 -6.11 18.56 -5.69
CA THR B 117 -6.55 19.95 -5.66
C THR B 117 -7.63 20.17 -6.73
N PRO B 118 -8.62 21.00 -6.45
CA PRO B 118 -9.68 21.26 -7.44
C PRO B 118 -9.37 22.44 -8.34
N VAL B 119 -9.80 22.31 -9.59
CA VAL B 119 -9.72 23.36 -10.59
C VAL B 119 -11.08 23.48 -11.26
N THR B 120 -11.64 24.70 -11.28
CA THR B 120 -12.95 24.96 -11.83
C THR B 120 -12.82 25.92 -13.00
N VAL B 121 -13.10 25.43 -14.21
CA VAL B 121 -13.07 26.23 -15.43
C VAL B 121 -14.49 26.56 -15.84
N SER B 122 -14.76 27.83 -16.08
CA SER B 122 -16.08 28.28 -16.48
C SER B 122 -16.24 28.24 -18.00
N SER B 123 -17.49 28.14 -18.44
CA SER B 123 -17.79 28.08 -19.87
C SER B 123 -17.54 29.43 -20.53
N GLN C 1 19.59 -22.73 6.55
CA GLN C 1 19.96 -21.35 6.85
C GLN C 1 19.57 -20.44 5.70
N VAL C 2 19.42 -21.02 4.51
CA VAL C 2 19.06 -20.29 3.31
C VAL C 2 17.57 -20.45 3.00
N GLN C 3 17.00 -19.39 2.45
CA GLN C 3 15.62 -19.32 2.00
C GLN C 3 15.63 -18.86 0.54
N LEU C 4 14.45 -18.79 -0.06
CA LEU C 4 14.32 -18.37 -1.46
C LEU C 4 15.14 -19.29 -2.36
N VAL C 5 15.02 -20.60 -2.12
CA VAL C 5 15.72 -21.61 -2.90
C VAL C 5 14.70 -22.67 -3.31
N GLU C 6 14.34 -22.66 -4.60
CA GLU C 6 13.40 -23.64 -5.13
C GLU C 6 14.01 -25.05 -5.04
N SER C 7 13.21 -26.01 -4.57
CA SER C 7 13.67 -27.37 -4.40
C SER C 7 12.63 -28.34 -4.91
N GLY C 8 13.09 -29.55 -5.24
CA GLY C 8 12.23 -30.61 -5.74
C GLY C 8 12.43 -30.95 -7.20
N GLY C 9 13.35 -30.28 -7.90
CA GLY C 9 13.58 -30.54 -9.30
C GLY C 9 14.63 -31.63 -9.53
N GLY C 10 14.86 -31.92 -10.81
CA GLY C 10 15.83 -32.92 -11.18
C GLY C 10 15.57 -33.43 -12.59
N LEU C 11 16.04 -34.64 -12.85
CA LEU C 11 15.93 -35.29 -14.15
C LEU C 11 14.96 -36.47 -14.04
N VAL C 12 13.99 -36.51 -14.96
CA VAL C 12 13.01 -37.58 -15.00
C VAL C 12 12.64 -37.83 -16.45
N GLN C 13 12.23 -39.07 -16.75
CA GLN C 13 11.88 -39.43 -18.11
C GLN C 13 10.57 -38.77 -18.52
N ALA C 14 10.25 -38.88 -19.81
CA ALA C 14 9.01 -38.33 -20.32
C ALA C 14 7.81 -39.03 -19.70
N GLY C 15 6.75 -38.26 -19.47
CA GLY C 15 5.57 -38.77 -18.80
C GLY C 15 5.71 -38.93 -17.30
N GLY C 16 6.86 -38.61 -16.73
CA GLY C 16 7.08 -38.71 -15.30
C GLY C 16 6.41 -37.59 -14.54
N SER C 17 6.88 -37.39 -13.31
CA SER C 17 6.31 -36.36 -12.44
C SER C 17 7.37 -35.90 -11.46
N LEU C 18 7.21 -34.65 -11.00
CA LEU C 18 8.09 -34.06 -10.02
C LEU C 18 7.25 -33.26 -9.03
N ARG C 19 7.89 -32.71 -8.00
CA ARG C 19 7.20 -31.93 -6.99
C ARG C 19 8.14 -30.82 -6.52
N LEU C 20 7.94 -29.61 -7.05
CA LEU C 20 8.74 -28.47 -6.63
C LEU C 20 8.14 -27.86 -5.37
N SER C 21 9.01 -27.37 -4.49
CA SER C 21 8.58 -26.84 -3.21
C SER C 21 9.40 -25.62 -2.83
N CYS C 22 8.77 -24.73 -2.06
CA CYS C 22 9.45 -23.56 -1.50
C CYS C 22 8.79 -23.18 -0.18
N ALA C 23 9.56 -23.16 0.90
CA ALA C 23 9.05 -22.76 2.20
C ALA C 23 9.28 -21.27 2.44
N ALA C 24 8.36 -20.65 3.16
CA ALA C 24 8.45 -19.24 3.50
C ALA C 24 8.99 -19.09 4.93
N SER C 25 9.35 -17.86 5.27
CA SER C 25 9.85 -17.57 6.62
C SER C 25 8.72 -16.94 7.43
N GLY C 26 7.92 -17.78 8.06
CA GLY C 26 6.78 -17.28 8.81
C GLY C 26 5.64 -16.79 7.95
N SER C 27 5.97 -16.31 6.75
CA SER C 27 5.02 -15.65 5.86
C SER C 27 4.03 -16.63 5.25
N ILE C 28 3.27 -17.33 6.08
CA ILE C 28 2.24 -18.23 5.60
C ILE C 28 1.19 -17.43 4.83
N SER C 29 0.36 -16.69 5.56
CA SER C 29 -0.67 -15.84 4.98
C SER C 29 -0.19 -14.43 4.68
N SER C 30 0.96 -14.01 5.20
CA SER C 30 1.47 -12.67 4.89
C SER C 30 1.73 -12.48 3.39
N ILE C 31 1.89 -13.56 2.63
CA ILE C 31 2.03 -13.42 1.18
C ILE C 31 0.68 -12.99 0.60
N SER C 32 0.72 -12.28 -0.53
CA SER C 32 -0.49 -11.93 -1.25
C SER C 32 -0.72 -12.74 -2.51
N THR C 33 0.34 -13.18 -3.18
CA THR C 33 0.21 -14.02 -4.37
C THR C 33 1.46 -14.87 -4.49
N MET C 34 1.29 -16.12 -4.94
CA MET C 34 2.40 -17.05 -5.11
C MET C 34 2.34 -17.62 -6.52
N GLY C 35 3.44 -17.49 -7.27
CA GLY C 35 3.48 -17.94 -8.64
C GLY C 35 4.72 -18.76 -8.92
N TRP C 36 4.62 -19.58 -9.98
CA TRP C 36 5.74 -20.39 -10.46
C TRP C 36 6.05 -19.99 -11.91
N TYR C 37 7.02 -19.11 -12.09
CA TYR C 37 7.51 -18.77 -13.42
C TYR C 37 8.55 -19.76 -13.90
N ARG C 38 8.65 -19.89 -15.23
CA ARG C 38 9.64 -20.75 -15.86
C ARG C 38 10.13 -20.08 -17.13
N GLN C 39 11.39 -20.31 -17.47
CA GLN C 39 11.96 -19.75 -18.69
C GLN C 39 12.98 -20.68 -19.30
N ALA C 40 12.84 -20.95 -20.59
CA ALA C 40 13.83 -21.67 -21.37
C ALA C 40 14.57 -20.70 -22.31
N PRO C 41 15.83 -20.95 -22.62
CA PRO C 41 16.55 -20.10 -23.58
C PRO C 41 15.88 -20.18 -24.95
N GLY C 42 15.66 -19.00 -25.56
CA GLY C 42 14.96 -18.93 -26.82
C GLY C 42 13.44 -18.93 -26.69
N LYS C 43 12.92 -19.02 -25.47
CA LYS C 43 11.49 -18.99 -25.20
C LYS C 43 11.23 -17.93 -24.14
N GLU C 44 9.95 -17.62 -23.92
CA GLU C 44 9.57 -16.54 -23.03
C GLU C 44 9.37 -17.06 -21.61
N ARG C 45 9.73 -16.25 -20.63
CA ARG C 45 9.42 -16.60 -19.26
C ARG C 45 7.92 -16.47 -19.07
N GLU C 46 7.31 -17.46 -18.44
CA GLU C 46 5.86 -17.49 -18.35
C GLU C 46 5.40 -17.97 -16.98
N LEU C 47 4.35 -17.33 -16.47
CA LEU C 47 3.70 -17.81 -15.27
C LEU C 47 2.90 -19.07 -15.61
N VAL C 48 3.10 -20.13 -14.84
CA VAL C 48 2.45 -21.40 -15.11
C VAL C 48 1.32 -21.70 -14.13
N ALA C 49 1.45 -21.26 -12.88
CA ALA C 49 0.43 -21.51 -11.87
C ALA C 49 0.54 -20.45 -10.80
N ALA C 50 -0.59 -20.01 -10.26
CA ALA C 50 -0.60 -18.94 -9.28
C ALA C 50 -1.81 -19.11 -8.37
N ILE C 51 -1.54 -19.28 -7.07
CA ILE C 51 -2.59 -19.34 -6.07
C ILE C 51 -2.48 -18.09 -5.21
N THR C 52 -3.61 -17.44 -4.96
CA THR C 52 -3.65 -16.24 -4.14
C THR C 52 -4.00 -16.62 -2.70
N SER C 53 -3.71 -15.69 -1.79
CA SER C 53 -4.09 -15.89 -0.39
C SER C 53 -5.61 -15.97 -0.27
N GLY C 54 -6.12 -17.17 -0.01
CA GLY C 54 -7.55 -17.39 0.08
C GLY C 54 -7.96 -18.68 -0.60
N GLY C 55 -7.09 -19.18 -1.48
CA GLY C 55 -7.30 -20.45 -2.16
C GLY C 55 -7.68 -20.35 -3.62
N SER C 56 -7.97 -19.15 -4.12
CA SER C 56 -8.31 -18.99 -5.54
C SER C 56 -7.08 -19.27 -6.40
N THR C 57 -7.17 -20.26 -7.28
CA THR C 57 -6.06 -20.69 -8.11
C THR C 57 -6.35 -20.43 -9.57
N ASN C 58 -5.30 -20.10 -10.32
CA ASN C 58 -5.34 -19.99 -11.76
C ASN C 58 -4.16 -20.74 -12.34
N TYR C 59 -4.33 -21.27 -13.55
CA TYR C 59 -3.31 -22.09 -14.19
C TYR C 59 -3.11 -21.64 -15.62
N ALA C 60 -2.03 -22.12 -16.23
CA ALA C 60 -1.71 -21.81 -17.61
C ALA C 60 -2.36 -22.81 -18.56
N ASP C 61 -2.29 -22.49 -19.86
CA ASP C 61 -2.93 -23.33 -20.86
C ASP C 61 -2.19 -24.65 -21.05
N SER C 62 -0.86 -24.58 -21.21
CA SER C 62 -0.07 -25.78 -21.45
C SER C 62 -0.09 -26.72 -20.25
N VAL C 63 -0.30 -26.18 -19.04
CA VAL C 63 -0.20 -26.97 -17.82
C VAL C 63 -1.56 -27.40 -17.29
N LYS C 64 -2.64 -27.04 -17.98
CA LYS C 64 -3.98 -27.37 -17.51
C LYS C 64 -4.17 -28.89 -17.45
N GLY C 65 -4.73 -29.36 -16.33
CA GLY C 65 -4.93 -30.78 -16.11
C GLY C 65 -3.68 -31.57 -15.81
N ARG C 66 -2.53 -30.91 -15.67
CA ARG C 66 -1.28 -31.60 -15.34
C ARG C 66 -0.66 -31.02 -14.06
N PHE C 67 -0.22 -29.77 -14.08
CA PHE C 67 0.40 -29.18 -12.90
C PHE C 67 -0.66 -28.78 -11.88
N THR C 68 -0.30 -28.87 -10.60
CA THR C 68 -1.19 -28.54 -9.49
C THR C 68 -0.41 -27.69 -8.49
N ILE C 69 -0.77 -26.41 -8.38
CA ILE C 69 -0.18 -25.54 -7.36
C ILE C 69 -0.93 -25.71 -6.05
N SER C 70 -0.22 -25.55 -4.95
CA SER C 70 -0.80 -25.76 -3.62
C SER C 70 0.09 -25.09 -2.59
N ARG C 71 -0.44 -24.98 -1.37
CA ARG C 71 0.29 -24.33 -0.28
C ARG C 71 0.07 -25.09 1.03
N THR C 77 4.40 -23.52 3.49
CA THR C 77 5.19 -24.04 2.39
C THR C 77 4.33 -24.11 1.12
N VAL C 78 4.89 -23.66 0.00
CA VAL C 78 4.24 -23.75 -1.30
C VAL C 78 4.74 -24.97 -2.04
N TYR C 79 3.84 -25.63 -2.78
CA TYR C 79 4.15 -26.83 -3.53
C TYR C 79 3.61 -26.71 -4.94
N LEU C 80 4.35 -27.25 -5.91
CA LEU C 80 3.89 -27.37 -7.29
C LEU C 80 4.08 -28.81 -7.74
N GLN C 81 2.99 -29.57 -7.81
CA GLN C 81 3.02 -30.96 -8.26
C GLN C 81 2.86 -31.01 -9.77
N MET C 82 3.95 -31.24 -10.47
CA MET C 82 3.92 -31.40 -11.92
C MET C 82 3.70 -32.86 -12.29
N ASN C 83 2.84 -33.09 -13.29
CA ASN C 83 2.46 -34.44 -13.68
C ASN C 83 2.44 -34.54 -15.20
N SER C 84 2.62 -35.77 -15.69
CA SER C 84 2.64 -36.07 -17.13
C SER C 84 3.58 -35.13 -17.88
N LEU C 85 4.83 -35.09 -17.40
CA LEU C 85 5.82 -34.14 -17.92
C LEU C 85 6.18 -34.45 -19.37
N LYS C 86 6.44 -33.38 -20.13
CA LYS C 86 6.84 -33.47 -21.52
C LYS C 86 8.18 -32.77 -21.70
N PRO C 87 9.00 -33.22 -22.66
CA PRO C 87 10.31 -32.60 -22.86
C PRO C 87 10.24 -31.11 -23.19
N GLU C 88 9.12 -30.63 -23.72
CA GLU C 88 8.96 -29.22 -24.02
C GLU C 88 8.71 -28.36 -22.78
N ASP C 89 8.56 -28.98 -21.62
CA ASP C 89 8.40 -28.27 -20.35
C ASP C 89 9.75 -28.02 -19.67
N THR C 90 10.83 -28.57 -20.22
CA THR C 90 12.16 -28.40 -19.66
C THR C 90 12.56 -26.92 -19.67
N ALA C 91 12.88 -26.39 -18.49
CA ALA C 91 13.26 -25.00 -18.31
C ALA C 91 13.77 -24.85 -16.88
N VAL C 92 14.13 -23.62 -16.51
CA VAL C 92 14.52 -23.29 -15.15
C VAL C 92 13.32 -22.65 -14.47
N TYR C 93 12.95 -23.17 -13.30
CA TYR C 93 11.74 -22.75 -12.61
C TYR C 93 12.09 -21.89 -11.40
N TYR C 94 11.48 -20.72 -11.32
CA TYR C 94 11.61 -19.80 -10.20
C TYR C 94 10.29 -19.71 -9.44
N CYS C 95 10.40 -19.50 -8.13
CA CYS C 95 9.25 -19.27 -7.27
C CYS C 95 9.15 -17.79 -6.95
N ASN C 96 7.93 -17.26 -6.99
CA ASN C 96 7.68 -15.84 -6.80
C ASN C 96 6.71 -15.63 -5.65
N PHE C 97 7.05 -14.69 -4.77
CA PHE C 97 6.21 -14.29 -3.63
C PHE C 97 5.86 -12.82 -3.80
N LYS C 98 4.57 -12.52 -3.91
CA LYS C 98 4.09 -11.16 -4.12
C LYS C 98 3.40 -10.66 -2.86
N TYR C 99 3.81 -9.49 -2.39
CA TYR C 99 3.26 -8.86 -1.20
C TYR C 99 2.67 -7.50 -1.54
N TYR C 100 1.41 -7.30 -1.21
CA TYR C 100 0.74 -6.01 -1.37
C TYR C 100 0.61 -5.34 0.00
N SER C 101 0.99 -4.07 0.07
CA SER C 101 0.77 -3.25 1.25
C SER C 101 0.32 -1.87 0.81
N GLY C 102 -0.27 -1.12 1.73
CA GLY C 102 -0.67 0.22 1.40
C GLY C 102 -1.55 0.83 2.47
N SER C 103 -1.89 2.09 2.24
CA SER C 103 -2.78 2.86 3.10
C SER C 103 -3.55 3.83 2.21
N TYR C 104 -4.06 4.90 2.80
CA TYR C 104 -4.76 5.91 2.03
C TYR C 104 -3.82 6.87 1.31
N PHE C 105 -2.51 6.69 1.47
CA PHE C 105 -1.55 7.57 0.81
C PHE C 105 -0.47 6.83 0.03
N TYR C 106 -0.33 5.51 0.19
CA TYR C 106 0.75 4.81 -0.49
C TYR C 106 0.30 3.41 -0.89
N LYS C 107 1.05 2.84 -1.84
CA LYS C 107 0.85 1.47 -2.31
C LYS C 107 2.21 0.85 -2.62
N SER C 108 2.53 -0.27 -1.96
CA SER C 108 3.78 -0.97 -2.19
C SER C 108 3.50 -2.38 -2.68
N GLU C 109 4.29 -2.81 -3.66
CA GLU C 109 4.17 -4.14 -4.26
C GLU C 109 5.56 -4.78 -4.27
N TYR C 110 5.83 -5.65 -3.31
CA TYR C 110 7.09 -6.36 -3.24
C TYR C 110 7.00 -7.68 -3.99
N ASP C 111 8.05 -8.01 -4.72
CA ASP C 111 8.17 -9.29 -5.42
C ASP C 111 9.51 -9.91 -5.06
N TYR C 112 9.47 -11.11 -4.48
CA TYR C 112 10.67 -11.83 -4.09
C TYR C 112 10.77 -13.12 -4.89
N TRP C 113 11.96 -13.41 -5.39
CA TRP C 113 12.19 -14.64 -6.16
C TRP C 113 13.46 -15.31 -5.66
N GLY C 114 13.62 -16.57 -6.03
CA GLY C 114 14.72 -17.38 -5.56
C GLY C 114 15.84 -17.53 -6.57
N LYS C 115 16.72 -18.48 -6.28
CA LYS C 115 17.88 -18.73 -7.14
C LYS C 115 17.51 -19.56 -8.36
N GLY C 116 16.46 -20.37 -8.25
CA GLY C 116 15.97 -21.18 -9.34
C GLY C 116 16.38 -22.63 -9.21
N THR C 117 15.72 -23.47 -10.01
CA THR C 117 16.03 -24.88 -10.08
C THR C 117 15.81 -25.37 -11.50
N PRO C 118 16.64 -26.30 -11.98
CA PRO C 118 16.44 -26.87 -13.32
C PRO C 118 15.59 -28.12 -13.26
N VAL C 119 14.80 -28.32 -14.32
CA VAL C 119 13.97 -29.50 -14.48
C VAL C 119 14.25 -30.09 -15.86
N THR C 120 14.59 -31.37 -15.90
CA THR C 120 14.92 -32.03 -17.16
C THR C 120 13.95 -33.18 -17.45
#